data_7YK9
#
_entry.id   7YK9
#
_cell.length_a   71.325
_cell.length_b   97.415
_cell.length_c   43.134
_cell.angle_alpha   90.000
_cell.angle_beta   90.000
_cell.angle_gamma   90.000
#
_symmetry.space_group_name_H-M   'P 21 21 2'
#
loop_
_entity.id
_entity.type
_entity.pdbx_description
1 polymer 'Phycocyanobilin:ferredoxin oxidoreductase'
2 non-polymer '3-[5-[(Z)-(4-ethenyl-3-methyl-5-oxidanylidene-pyrrol-2-ylidene)methyl]-2-[[5-[(Z)-(3-ethenyl-4-methyl-5-oxidanylidene-pyrrol-2-ylidene)methyl]-3-(3-hydroxy-3-oxopropyl)-4-methyl-1H-pyrrol-2-yl]methyl]-4-methyl-1H-pyrrol-3-yl]propanoic acid'
3 water water
#
_entity_poly.entity_id   1
_entity_poly.type   'polypeptide(L)'
_entity_poly.pdbx_seq_one_letter_code
;MAVTDLSLTNSSLMPTLNPMIQQLALAIAASWQSLPLKPYQLPEDLGYVEGRLEGEKLVIENRCYQTPQFRKMHLELAKV
GKGLDDLHCVMFPEPLYGLPLFGCDIVAGPGGVSAAIADLSPTQSDRQLPAAYQKSLAELGQPEFEQQRELPPWGEIFSE
YCLFIRPSNVTEEERFVQRVVDFLQIHCHQSIVAEPLSEAQTLEHRQGQIHYCQQQQKNDKTRRVLEKAFGEAWAERYMS
QVLFDVIQ
;
_entity_poly.pdbx_strand_id   A
#
loop_
_chem_comp.id
_chem_comp.type
_chem_comp.name
_chem_comp.formula
BLR non-polymer '3-[5-[(Z)-(4-ethenyl-3-methyl-5-oxidanylidene-pyrrol-2-ylidene)methyl]-2-[[5-[(Z)-(3-ethenyl-4-methyl-5-oxidanylidene-pyrrol-2-ylidene)methyl]-3-(3-hydroxy-3-oxopropyl)-4-methyl-1H-pyrrol-2-yl]methyl]-4-methyl-1H-pyrrol-3-yl]propanoic acid' 'C33 H36 N4 O6'
#
# COMPACT_ATOMS: atom_id res chain seq x y z
N ASP A 5 6.77 -16.88 6.47
CA ASP A 5 6.59 -15.53 7.01
C ASP A 5 5.24 -14.93 6.67
N LEU A 6 4.50 -15.56 5.74
CA LEU A 6 3.29 -14.92 5.24
C LEU A 6 2.07 -15.22 6.09
N SER A 7 2.13 -16.22 6.94
CA SER A 7 1.16 -16.24 8.01
C SER A 7 1.47 -15.04 8.89
N LEU A 8 0.43 -14.36 9.27
CA LEU A 8 0.52 -13.25 10.21
C LEU A 8 0.48 -13.72 11.65
N THR A 9 0.50 -15.05 11.88
CA THR A 9 0.39 -15.57 13.25
C THR A 9 1.69 -15.37 14.04
N ASN A 10 2.80 -15.20 13.35
CA ASN A 10 4.06 -14.86 14.01
C ASN A 10 4.27 -13.36 14.17
N SER A 11 3.28 -12.52 13.79
CA SER A 11 3.43 -11.07 13.89
C SER A 11 3.32 -10.63 15.34
N SER A 12 4.28 -9.82 15.80
CA SER A 12 4.16 -9.22 17.12
C SER A 12 3.24 -8.01 17.13
N LEU A 13 3.06 -7.33 16.00
CA LEU A 13 2.20 -6.15 16.00
C LEU A 13 0.71 -6.47 15.87
N MET A 14 0.36 -7.48 15.08
CA MET A 14 -1.02 -7.76 14.70
C MET A 14 -2.01 -7.68 15.83
N PRO A 15 -1.77 -8.31 16.98
CA PRO A 15 -2.83 -8.38 18.02
C PRO A 15 -3.17 -7.04 18.58
N THR A 16 -2.27 -6.07 18.44
CA THR A 16 -2.38 -4.75 19.03
C THR A 16 -2.84 -3.70 18.05
N LEU A 17 -3.10 -4.05 16.78
CA LEU A 17 -3.53 -3.07 15.80
C LEU A 17 -5.05 -2.92 15.77
N ASN A 18 -5.47 -1.78 15.32
CA ASN A 18 -6.87 -1.52 15.09
C ASN A 18 -7.53 -2.67 14.32
N PRO A 19 -8.76 -3.05 14.71
CA PRO A 19 -9.43 -4.20 14.08
C PRO A 19 -9.63 -4.11 12.59
N MET A 20 -9.93 -2.92 12.06
CA MET A 20 -10.03 -2.81 10.61
C MET A 20 -8.70 -3.14 9.94
N ILE A 21 -7.59 -2.64 10.51
CA ILE A 21 -6.27 -2.97 9.98
C ILE A 21 -6.03 -4.47 10.04
N GLN A 22 -6.36 -5.12 11.17
N GLN A 22 -6.38 -5.13 11.15
CA GLN A 22 -6.26 -6.57 11.27
CA GLN A 22 -6.21 -6.58 11.22
C GLN A 22 -6.99 -7.27 10.14
C GLN A 22 -7.00 -7.30 10.15
N GLN A 23 -8.24 -6.87 9.91
CA GLN A 23 -9.04 -7.53 8.87
C GLN A 23 -8.47 -7.34 7.48
N LEU A 24 -7.96 -6.16 7.20
CA LEU A 24 -7.38 -5.89 5.88
CA LEU A 24 -7.41 -5.90 5.87
C LEU A 24 -6.08 -6.63 5.67
N ALA A 25 -5.25 -6.69 6.70
CA ALA A 25 -3.99 -7.39 6.61
C ALA A 25 -4.21 -8.86 6.30
N LEU A 26 -5.21 -9.45 6.96
CA LEU A 26 -5.57 -10.83 6.73
C LEU A 26 -6.06 -11.03 5.32
N ALA A 27 -6.90 -10.13 4.81
CA ALA A 27 -7.43 -10.29 3.46
C ALA A 27 -6.35 -10.18 2.39
N ILE A 28 -5.40 -9.26 2.57
CA ILE A 28 -4.29 -9.13 1.63
C ILE A 28 -3.46 -10.40 1.62
N ALA A 29 -3.10 -10.87 2.82
CA ALA A 29 -2.30 -12.07 2.97
C ALA A 29 -3.01 -13.28 2.32
N ALA A 30 -4.33 -13.40 2.53
CA ALA A 30 -5.11 -14.45 1.90
C ALA A 30 -5.05 -14.38 0.38
N SER A 31 -5.09 -13.16 -0.19
CA SER A 31 -5.03 -12.99 -1.64
CA SER A 31 -5.01 -12.97 -1.64
C SER A 31 -3.68 -13.42 -2.19
N TRP A 32 -2.61 -13.20 -1.44
CA TRP A 32 -1.28 -13.51 -1.95
C TRP A 32 -0.86 -14.95 -1.69
N GLN A 33 -1.53 -15.62 -0.75
CA GLN A 33 -1.01 -16.86 -0.16
C GLN A 33 -0.70 -17.94 -1.19
N SER A 34 -1.50 -18.07 -2.24
CA SER A 34 -1.33 -19.18 -3.17
CA SER A 34 -1.38 -19.18 -3.18
C SER A 34 -0.70 -18.77 -4.49
N LEU A 35 -0.17 -17.53 -4.57
CA LEU A 35 0.52 -17.07 -5.75
C LEU A 35 1.88 -17.73 -5.87
N PRO A 36 2.50 -17.64 -7.04
CA PRO A 36 3.86 -18.12 -7.19
C PRO A 36 4.85 -17.10 -6.60
N LEU A 37 4.92 -17.10 -5.27
CA LEU A 37 5.70 -16.12 -4.50
C LEU A 37 7.13 -16.57 -4.33
N LYS A 38 8.02 -15.60 -4.34
CA LYS A 38 9.38 -15.74 -3.85
C LYS A 38 9.65 -14.57 -2.91
N PRO A 39 10.53 -14.73 -1.94
CA PRO A 39 10.96 -13.57 -1.14
C PRO A 39 11.58 -12.49 -2.00
N TYR A 40 11.33 -11.26 -1.58
CA TYR A 40 11.98 -10.08 -2.15
C TYR A 40 12.82 -9.50 -1.02
N GLN A 41 14.09 -9.29 -1.25
CA GLN A 41 14.99 -8.81 -0.20
CA GLN A 41 14.99 -8.81 -0.20
CA GLN A 41 15.00 -8.81 -0.21
C GLN A 41 14.99 -7.28 -0.20
N LEU A 42 14.48 -6.69 0.89
CA LEU A 42 14.55 -5.25 1.07
C LEU A 42 16.00 -4.86 1.38
N PRO A 43 16.35 -3.58 1.26
CA PRO A 43 17.72 -3.17 1.61
C PRO A 43 18.10 -3.64 3.01
N GLU A 44 19.29 -4.23 3.13
CA GLU A 44 19.74 -4.75 4.42
C GLU A 44 18.83 -5.87 4.96
N ASP A 45 18.13 -6.56 4.07
CA ASP A 45 17.26 -7.69 4.47
C ASP A 45 16.37 -7.31 5.65
N LEU A 46 15.86 -6.07 5.61
CA LEU A 46 15.00 -5.51 6.65
C LEU A 46 13.72 -6.33 6.84
N GLY A 47 13.47 -6.69 8.08
N GLY A 47 13.25 -6.38 8.10
CA GLY A 47 12.23 -7.27 8.54
CA GLY A 47 12.09 -7.19 8.50
C GLY A 47 11.69 -6.32 9.57
C GLY A 47 11.31 -6.68 9.70
N TYR A 48 11.94 -6.63 10.87
CA TYR A 48 11.47 -5.86 12.00
C TYR A 48 12.45 -4.73 12.36
N VAL A 49 11.91 -3.56 12.67
CA VAL A 49 12.74 -2.42 13.07
C VAL A 49 11.99 -1.57 14.08
N GLU A 50 12.74 -1.11 15.06
CA GLU A 50 12.25 -0.24 16.10
CA GLU A 50 12.27 -0.23 16.13
C GLU A 50 13.26 0.89 16.31
N GLY A 51 12.74 2.06 16.60
CA GLY A 51 13.57 3.23 16.82
C GLY A 51 12.85 4.26 17.66
N ARG A 52 13.63 5.04 18.39
CA ARG A 52 13.14 6.15 19.18
C ARG A 52 14.24 7.20 19.25
N LEU A 53 13.83 8.47 19.23
CA LEU A 53 14.74 9.58 19.53
C LEU A 53 14.25 10.15 20.86
N GLU A 54 13.71 11.36 20.84
CA GLU A 54 13.25 12.05 22.04
C GLU A 54 11.76 11.85 22.32
N GLY A 55 11.03 11.21 21.42
CA GLY A 55 9.60 11.07 21.63
C GLY A 55 9.20 9.62 21.69
N GLU A 56 8.15 9.31 20.92
CA GLU A 56 7.55 8.00 20.94
C GLU A 56 8.39 7.03 20.08
N LYS A 57 8.30 5.75 20.42
CA LYS A 57 8.92 4.69 19.65
CA LYS A 57 8.94 4.70 19.64
C LYS A 57 8.05 4.29 18.46
N LEU A 58 8.69 4.04 17.33
CA LEU A 58 8.07 3.51 16.12
C LEU A 58 8.54 2.05 15.96
N VAL A 59 7.59 1.14 15.74
N VAL A 59 7.57 1.15 15.80
CA VAL A 59 7.90 -0.26 15.50
CA VAL A 59 7.81 -0.25 15.51
C VAL A 59 7.24 -0.69 14.20
C VAL A 59 7.28 -0.52 14.10
N ILE A 60 8.04 -1.25 13.30
CA ILE A 60 7.65 -1.59 11.94
C ILE A 60 7.92 -3.06 11.66
N GLU A 61 6.94 -3.75 11.07
CA GLU A 61 7.14 -5.09 10.53
C GLU A 61 6.98 -5.03 9.03
N ASN A 62 7.97 -5.54 8.31
CA ASN A 62 7.95 -5.60 6.86
C ASN A 62 7.86 -7.03 6.36
N ARG A 63 7.03 -7.26 5.37
CA ARG A 63 7.00 -8.51 4.59
C ARG A 63 7.02 -8.14 3.11
N CYS A 64 7.85 -8.80 2.31
CA CYS A 64 7.98 -8.43 0.92
CA CYS A 64 7.99 -8.44 0.90
C CYS A 64 8.18 -9.68 0.06
N TYR A 65 7.48 -9.71 -1.09
CA TYR A 65 7.50 -10.84 -2.01
C TYR A 65 7.53 -10.34 -3.45
N GLN A 66 7.76 -11.26 -4.38
CA GLN A 66 7.72 -10.99 -5.79
C GLN A 66 7.11 -12.20 -6.51
N THR A 67 6.51 -11.92 -7.64
CA THR A 67 6.01 -12.92 -8.57
C THR A 67 6.45 -12.52 -9.97
N PRO A 68 6.16 -13.33 -10.98
CA PRO A 68 6.52 -12.92 -12.34
C PRO A 68 5.83 -11.68 -12.80
N GLN A 69 4.61 -11.40 -12.32
CA GLN A 69 3.89 -10.21 -12.74
C GLN A 69 4.10 -9.00 -11.82
N PHE A 70 4.62 -9.21 -10.62
CA PHE A 70 4.74 -8.14 -9.62
C PHE A 70 6.15 -8.15 -9.11
N ARG A 71 6.85 -7.08 -9.42
CA ARG A 71 8.26 -7.03 -9.08
C ARG A 71 8.49 -6.90 -7.59
N LYS A 72 7.53 -6.32 -6.87
CA LYS A 72 7.72 -6.13 -5.43
C LYS A 72 6.34 -5.99 -4.78
N MET A 73 6.06 -6.82 -3.76
N MET A 73 6.05 -6.84 -3.80
CA MET A 73 4.74 -6.83 -3.10
CA MET A 73 4.78 -6.82 -3.10
C MET A 73 4.96 -6.62 -1.60
C MET A 73 5.13 -6.56 -1.65
N HIS A 74 4.76 -5.38 -1.15
CA HIS A 74 5.24 -4.96 0.15
C HIS A 74 4.08 -4.72 1.08
N LEU A 75 4.07 -5.42 2.20
CA LEU A 75 3.08 -5.27 3.26
C LEU A 75 3.79 -4.78 4.52
N GLU A 76 3.46 -3.59 4.99
CA GLU A 76 4.14 -3.00 6.13
CA GLU A 76 4.14 -2.99 6.14
C GLU A 76 3.11 -2.69 7.22
N LEU A 77 3.38 -3.12 8.43
CA LEU A 77 2.58 -2.76 9.60
C LEU A 77 3.41 -1.89 10.51
N ALA A 78 2.83 -0.85 11.10
CA ALA A 78 3.57 0.04 11.97
C ALA A 78 2.71 0.53 13.12
N LYS A 79 3.36 0.77 14.25
CA LYS A 79 2.73 1.37 15.41
C LYS A 79 3.67 2.38 16.05
N VAL A 80 3.16 3.60 16.30
CA VAL A 80 3.87 4.66 17.02
C VAL A 80 3.34 4.71 18.43
N GLY A 81 4.19 4.39 19.41
CA GLY A 81 3.72 4.43 20.79
C GLY A 81 2.53 3.53 20.95
N LYS A 82 1.50 4.03 21.64
CA LYS A 82 0.23 3.30 21.72
C LYS A 82 -0.88 3.98 20.89
N GLY A 83 -0.63 5.14 20.30
N GLY A 83 -0.57 5.08 20.19
CA GLY A 83 -1.70 5.75 19.55
CA GLY A 83 -1.59 5.96 19.64
C GLY A 83 -1.84 5.20 18.15
C GLY A 83 -1.68 6.11 18.13
N LEU A 84 -0.83 5.46 17.34
CA LEU A 84 -0.97 5.53 15.90
C LEU A 84 -0.62 4.17 15.28
N ASP A 85 -1.56 3.61 14.51
CA ASP A 85 -1.40 2.37 13.80
C ASP A 85 -1.39 2.66 12.30
N ASP A 86 -0.60 1.90 11.54
CA ASP A 86 -0.63 2.06 10.10
CA ASP A 86 -0.63 2.06 10.09
C ASP A 86 -0.53 0.72 9.39
N LEU A 87 -1.28 0.58 8.31
CA LEU A 87 -1.08 -0.49 7.37
C LEU A 87 -0.74 0.17 6.04
N HIS A 88 0.30 -0.33 5.40
CA HIS A 88 0.75 0.19 4.11
C HIS A 88 0.95 -1.00 3.20
N CYS A 89 0.39 -0.94 2.00
CA CYS A 89 0.60 -2.03 1.04
C CYS A 89 0.72 -1.46 -0.36
N VAL A 90 1.73 -1.95 -1.13
CA VAL A 90 1.86 -1.64 -2.55
C VAL A 90 2.24 -2.94 -3.25
N MET A 91 1.55 -3.25 -4.35
CA MET A 91 1.99 -4.25 -5.30
C MET A 91 2.58 -3.49 -6.50
N PHE A 92 3.88 -3.52 -6.64
CA PHE A 92 4.56 -2.86 -7.74
C PHE A 92 4.58 -3.82 -8.92
N PRO A 93 3.97 -3.46 -10.04
CA PRO A 93 3.94 -4.37 -11.18
C PRO A 93 5.30 -4.43 -11.91
N GLU A 94 5.54 -5.57 -12.57
CA GLU A 94 6.59 -5.68 -13.61
C GLU A 94 6.07 -4.92 -14.82
N PRO A 95 6.76 -3.87 -15.28
CA PRO A 95 6.25 -3.06 -16.42
C PRO A 95 5.92 -3.86 -17.67
N LEU A 96 6.62 -4.97 -17.87
CA LEU A 96 6.41 -5.84 -19.01
C LEU A 96 4.96 -6.24 -19.20
N TYR A 97 4.20 -6.35 -18.11
CA TYR A 97 2.81 -6.78 -18.19
C TYR A 97 1.81 -5.66 -18.17
N GLY A 98 2.24 -4.43 -17.94
CA GLY A 98 1.36 -3.29 -18.03
C GLY A 98 0.24 -3.18 -17.01
N LEU A 99 0.35 -3.90 -15.84
CA LEU A 99 -0.68 -3.84 -14.81
C LEU A 99 -0.63 -2.57 -13.97
N PRO A 100 -1.77 -2.13 -13.51
CA PRO A 100 -1.80 -0.97 -12.62
C PRO A 100 -1.18 -1.25 -11.25
N LEU A 101 -1.09 -0.22 -10.47
CA LEU A 101 -0.48 -0.27 -9.15
C LEU A 101 -1.56 -0.38 -8.08
N PHE A 102 -1.57 -1.49 -7.39
CA PHE A 102 -2.43 -1.60 -6.23
C PHE A 102 -1.74 -0.95 -5.04
N GLY A 103 -2.45 -0.07 -4.32
CA GLY A 103 -1.92 0.50 -3.10
C GLY A 103 -2.99 0.78 -2.08
N CYS A 104 -2.61 0.75 -0.81
CA CYS A 104 -3.51 1.21 0.23
C CYS A 104 -2.72 1.72 1.42
N ASP A 105 -3.34 2.64 2.18
CA ASP A 105 -2.75 3.19 3.40
C ASP A 105 -3.91 3.36 4.36
N ILE A 106 -3.83 2.74 5.53
CA ILE A 106 -4.87 2.83 6.56
CA ILE A 106 -4.87 2.84 6.54
C ILE A 106 -4.21 3.32 7.82
N VAL A 107 -4.71 4.44 8.35
CA VAL A 107 -4.16 5.09 9.54
C VAL A 107 -5.23 5.12 10.62
N ALA A 108 -4.86 4.68 11.81
CA ALA A 108 -5.81 4.68 12.91
C ALA A 108 -5.16 5.14 14.22
N GLY A 109 -5.99 5.74 15.06
CA GLY A 109 -5.60 6.13 16.38
C GLY A 109 -6.58 5.54 17.38
N PRO A 110 -6.44 5.91 18.67
CA PRO A 110 -7.36 5.39 19.71
C PRO A 110 -8.85 5.62 19.43
N GLY A 111 -9.19 6.75 18.81
CA GLY A 111 -10.56 7.02 18.50
C GLY A 111 -11.01 6.58 17.12
N GLY A 112 -10.23 5.72 16.47
CA GLY A 112 -10.68 5.09 15.26
C GLY A 112 -9.79 5.39 14.06
N VAL A 113 -10.22 4.87 12.90
CA VAL A 113 -9.51 5.08 11.66
C VAL A 113 -9.68 6.52 11.20
N SER A 114 -8.58 7.19 10.93
CA SER A 114 -8.63 8.58 10.47
C SER A 114 -8.59 8.67 8.93
N ALA A 115 -7.91 7.72 8.30
CA ALA A 115 -7.67 7.76 6.88
C ALA A 115 -7.67 6.32 6.39
N ALA A 116 -8.45 6.07 5.36
CA ALA A 116 -8.43 4.81 4.64
C ALA A 116 -8.39 5.13 3.15
N ILE A 117 -7.33 4.69 2.46
CA ILE A 117 -7.11 5.02 1.05
CA ILE A 117 -7.23 4.98 1.05
C ILE A 117 -6.76 3.73 0.33
N ALA A 118 -7.39 3.48 -0.80
CA ALA A 118 -7.02 2.36 -1.65
C ALA A 118 -7.25 2.76 -3.08
N ASP A 119 -6.40 2.23 -3.95
CA ASP A 119 -6.54 2.52 -5.36
C ASP A 119 -5.88 1.42 -6.20
N LEU A 120 -6.32 1.35 -7.45
CA LEU A 120 -5.60 0.70 -8.53
C LEU A 120 -5.17 1.85 -9.45
N SER A 121 -3.89 2.21 -9.40
CA SER A 121 -3.44 3.47 -10.00
C SER A 121 -2.84 3.23 -11.38
N PRO A 122 -3.06 4.14 -12.31
CA PRO A 122 -2.60 3.95 -13.71
C PRO A 122 -1.12 4.15 -13.90
N THR A 123 -0.56 3.40 -14.86
CA THR A 123 0.82 3.56 -15.27
C THR A 123 0.96 4.02 -16.73
N GLN A 124 -0.13 4.08 -17.47
CA GLN A 124 -0.10 4.61 -18.83
C GLN A 124 0.04 6.13 -18.82
N SER A 125 0.65 6.63 -19.92
CA SER A 125 0.93 8.05 -20.06
C SER A 125 -0.34 8.87 -20.13
N ASP A 126 -1.43 8.28 -20.62
CA ASP A 126 -2.71 8.99 -20.64
C ASP A 126 -3.44 8.94 -19.30
N ARG A 127 -2.83 8.33 -18.27
CA ARG A 127 -3.41 8.24 -16.93
C ARG A 127 -4.73 7.47 -16.88
N GLN A 128 -4.98 6.57 -17.83
CA GLN A 128 -6.16 5.73 -17.83
C GLN A 128 -5.77 4.30 -17.45
N LEU A 129 -6.70 3.63 -16.77
CA LEU A 129 -6.57 2.19 -16.50
C LEU A 129 -6.82 1.41 -17.78
N PRO A 130 -6.24 0.22 -17.92
CA PRO A 130 -6.60 -0.64 -19.05
C PRO A 130 -8.09 -0.87 -19.11
N ALA A 131 -8.58 -1.05 -20.35
CA ALA A 131 -10.02 -1.19 -20.58
C ALA A 131 -10.65 -2.31 -19.75
N ALA A 132 -9.98 -3.47 -19.61
CA ALA A 132 -10.59 -4.54 -18.79
C ALA A 132 -10.79 -4.11 -17.34
N TYR A 133 -9.89 -3.28 -16.79
CA TYR A 133 -10.09 -2.80 -15.43
C TYR A 133 -11.27 -1.83 -15.35
N GLN A 134 -11.32 -0.88 -16.27
CA GLN A 134 -12.42 0.08 -16.28
C GLN A 134 -13.75 -0.61 -16.28
N LYS A 135 -13.89 -1.60 -17.16
CA LYS A 135 -15.13 -2.36 -17.26
CA LYS A 135 -15.14 -2.36 -17.25
C LYS A 135 -15.48 -3.04 -15.93
N SER A 136 -14.52 -3.78 -15.37
CA SER A 136 -14.81 -4.51 -14.13
C SER A 136 -15.09 -3.57 -12.97
N LEU A 137 -14.34 -2.48 -12.86
CA LEU A 137 -14.53 -1.58 -11.74
C LEU A 137 -15.87 -0.83 -11.84
N ALA A 138 -16.25 -0.45 -13.06
CA ALA A 138 -17.54 0.22 -13.26
C ALA A 138 -18.70 -0.69 -12.83
N GLU A 139 -18.59 -1.99 -13.08
CA GLU A 139 -19.64 -2.92 -12.66
C GLU A 139 -19.82 -3.02 -11.15
N LEU A 140 -18.83 -2.65 -10.34
CA LEU A 140 -19.03 -2.72 -8.89
C LEU A 140 -19.99 -1.64 -8.40
N GLY A 141 -20.09 -0.54 -9.12
CA GLY A 141 -20.94 0.52 -8.67
C GLY A 141 -20.26 1.40 -7.64
N GLN A 142 -20.70 2.62 -7.58
CA GLN A 142 -20.03 3.58 -6.74
C GLN A 142 -20.46 3.35 -5.29
N PRO A 143 -19.52 3.27 -4.36
CA PRO A 143 -19.91 3.02 -2.98
C PRO A 143 -20.19 4.36 -2.31
N GLU A 144 -21.04 4.28 -1.31
CA GLU A 144 -21.52 5.45 -0.59
C GLU A 144 -20.78 5.48 0.74
N PHE A 145 -20.06 6.56 0.97
CA PHE A 145 -19.43 6.81 2.25
C PHE A 145 -19.78 8.23 2.68
N GLU A 146 -20.01 8.38 3.98
CA GLU A 146 -20.43 9.68 4.51
C GLU A 146 -19.31 10.71 4.54
N GLN A 147 -18.05 10.32 4.74
CA GLN A 147 -16.97 11.29 4.97
CA GLN A 147 -16.98 11.31 4.94
C GLN A 147 -15.82 11.05 3.99
N GLN A 148 -15.92 11.62 2.81
CA GLN A 148 -14.86 11.53 1.83
C GLN A 148 -13.83 12.60 2.12
N ARG A 149 -12.60 12.34 1.69
CA ARG A 149 -11.50 13.29 1.88
C ARG A 149 -10.95 13.62 0.50
N GLU A 150 -10.59 14.87 0.30
CA GLU A 150 -10.04 15.26 -0.98
CA GLU A 150 -10.03 15.29 -0.98
C GLU A 150 -8.55 14.95 -1.00
N LEU A 151 -8.09 14.50 -2.15
CA LEU A 151 -6.71 14.09 -2.33
C LEU A 151 -5.80 15.30 -2.28
N PRO A 152 -4.59 15.19 -1.72
CA PRO A 152 -3.65 16.28 -1.75
C PRO A 152 -3.17 16.53 -3.17
N PRO A 153 -2.36 17.56 -3.35
CA PRO A 153 -1.98 17.97 -4.72
C PRO A 153 -1.11 16.97 -5.45
N TRP A 154 -0.27 16.21 -4.74
CA TRP A 154 0.53 15.19 -5.40
C TRP A 154 -0.28 13.97 -5.77
N GLY A 155 -1.59 13.93 -5.39
CA GLY A 155 -2.48 12.84 -5.64
C GLY A 155 -3.07 12.77 -7.05
N GLU A 156 -2.51 13.51 -7.99
CA GLU A 156 -2.92 13.38 -9.37
C GLU A 156 -2.57 11.99 -9.93
N ILE A 157 -1.69 11.26 -9.25
CA ILE A 157 -1.34 9.91 -9.68
C ILE A 157 -2.46 8.89 -9.50
N PHE A 158 -3.50 9.20 -8.72
CA PHE A 158 -4.54 8.23 -8.39
C PHE A 158 -5.64 8.19 -9.47
N SER A 159 -6.24 7.02 -9.62
CA SER A 159 -7.32 6.82 -10.58
C SER A 159 -8.61 7.49 -10.09
N GLU A 160 -9.59 7.49 -10.97
CA GLU A 160 -10.93 7.95 -10.64
C GLU A 160 -11.69 7.00 -9.73
N TYR A 161 -11.21 5.77 -9.52
CA TYR A 161 -11.81 4.84 -8.56
C TYR A 161 -11.16 4.89 -7.16
N CYS A 162 -10.24 5.82 -6.95
CA CYS A 162 -9.53 5.91 -5.69
C CYS A 162 -10.52 6.17 -4.57
N LEU A 163 -10.38 5.43 -3.49
CA LEU A 163 -11.19 5.69 -2.29
C LEU A 163 -10.32 6.34 -1.25
N PHE A 164 -10.79 7.47 -0.68
CA PHE A 164 -10.07 8.17 0.40
C PHE A 164 -11.16 8.66 1.37
N ILE A 165 -11.32 7.96 2.50
CA ILE A 165 -12.39 8.25 3.44
C ILE A 165 -11.89 8.24 4.86
N ARG A 166 -12.72 8.81 5.73
CA ARG A 166 -12.67 8.53 7.17
C ARG A 166 -13.91 7.67 7.42
N PRO A 167 -13.78 6.39 7.79
CA PRO A 167 -14.98 5.59 8.05
C PRO A 167 -15.76 6.13 9.26
N SER A 168 -17.08 6.21 9.11
CA SER A 168 -17.92 6.81 10.15
C SER A 168 -18.47 5.79 11.13
N ASN A 169 -18.50 4.52 10.76
CA ASN A 169 -19.02 3.48 11.65
C ASN A 169 -18.49 2.13 11.15
N VAL A 170 -18.85 1.04 11.85
CA VAL A 170 -18.33 -0.29 11.51
CA VAL A 170 -18.32 -0.28 11.50
C VAL A 170 -18.86 -0.77 10.17
N THR A 171 -20.07 -0.38 9.80
CA THR A 171 -20.59 -0.77 8.50
C THR A 171 -19.71 -0.24 7.39
N GLU A 172 -19.32 1.03 7.48
CA GLU A 172 -18.43 1.61 6.48
C GLU A 172 -17.04 0.98 6.53
N GLU A 173 -16.54 0.66 7.72
CA GLU A 173 -15.28 -0.08 7.81
C GLU A 173 -15.37 -1.37 7.00
N GLU A 174 -16.45 -2.14 7.20
CA GLU A 174 -16.58 -3.41 6.50
C GLU A 174 -16.76 -3.18 5.01
N ARG A 175 -17.52 -2.16 4.64
CA ARG A 175 -17.73 -1.85 3.23
C ARG A 175 -16.41 -1.51 2.53
N PHE A 176 -15.53 -0.78 3.21
CA PHE A 176 -14.21 -0.44 2.64
C PHE A 176 -13.36 -1.69 2.46
N VAL A 177 -13.32 -2.55 3.48
CA VAL A 177 -12.57 -3.82 3.37
C VAL A 177 -13.07 -4.62 2.16
N GLN A 178 -14.39 -4.72 2.01
CA GLN A 178 -14.92 -5.52 0.92
C GLN A 178 -14.56 -4.91 -0.43
N ARG A 179 -14.52 -3.60 -0.51
CA ARG A 179 -14.14 -2.97 -1.77
C ARG A 179 -12.66 -3.25 -2.11
N VAL A 180 -11.80 -3.29 -1.09
CA VAL A 180 -10.40 -3.64 -1.36
C VAL A 180 -10.30 -5.11 -1.79
N VAL A 181 -11.06 -6.02 -1.17
CA VAL A 181 -11.07 -7.42 -1.61
C VAL A 181 -11.49 -7.53 -3.08
N ASP A 182 -12.54 -6.80 -3.45
CA ASP A 182 -12.99 -6.75 -4.84
C ASP A 182 -11.89 -6.23 -5.75
N PHE A 183 -11.19 -5.16 -5.36
CA PHE A 183 -10.08 -4.68 -6.19
C PHE A 183 -9.05 -5.78 -6.40
N LEU A 184 -8.67 -6.47 -5.30
CA LEU A 184 -7.67 -7.54 -5.39
C LEU A 184 -8.13 -8.72 -6.25
N GLN A 185 -9.41 -9.09 -6.18
CA GLN A 185 -9.91 -10.19 -7.02
C GLN A 185 -9.83 -9.84 -8.51
N ILE A 186 -10.23 -8.62 -8.87
CA ILE A 186 -10.10 -8.15 -10.25
C ILE A 186 -8.64 -8.19 -10.69
N HIS A 187 -7.75 -7.60 -9.86
CA HIS A 187 -6.34 -7.49 -10.17
C HIS A 187 -5.67 -8.85 -10.33
N CYS A 188 -5.97 -9.79 -9.43
CA CYS A 188 -5.38 -11.13 -9.57
CA CYS A 188 -5.41 -11.15 -9.55
C CYS A 188 -5.87 -11.83 -10.83
N HIS A 189 -7.13 -11.67 -11.18
CA HIS A 189 -7.58 -12.28 -12.42
C HIS A 189 -6.90 -11.64 -13.65
N GLN A 190 -6.85 -10.31 -13.70
CA GLN A 190 -6.18 -9.66 -14.84
C GLN A 190 -4.70 -10.03 -14.95
N SER A 191 -4.06 -10.34 -13.84
CA SER A 191 -2.66 -10.76 -13.90
C SER A 191 -2.46 -12.11 -14.57
N ILE A 192 -3.48 -12.96 -14.56
CA ILE A 192 -3.42 -14.27 -15.22
C ILE A 192 -3.51 -14.09 -16.72
N VAL A 193 -4.35 -13.18 -17.18
CA VAL A 193 -4.59 -13.03 -18.61
C VAL A 193 -3.67 -11.97 -19.25
N ALA A 194 -2.76 -11.35 -18.48
CA ALA A 194 -1.96 -10.26 -19.06
C ALA A 194 -0.86 -10.80 -19.98
N GLU A 195 -0.66 -10.13 -21.10
CA GLU A 195 0.43 -10.54 -22.04
C GLU A 195 1.64 -9.62 -21.98
N PRO A 196 2.83 -10.16 -22.19
CA PRO A 196 4.02 -9.31 -22.23
C PRO A 196 3.90 -8.32 -23.37
N LEU A 197 4.31 -7.12 -23.09
CA LEU A 197 4.10 -5.99 -23.95
C LEU A 197 5.35 -5.71 -24.78
N SER A 198 5.20 -4.84 -25.79
CA SER A 198 6.36 -4.42 -26.57
C SER A 198 7.35 -3.58 -25.74
N GLU A 199 8.59 -3.47 -26.24
CA GLU A 199 9.64 -2.68 -25.55
C GLU A 199 9.20 -1.22 -25.31
N ALA A 200 8.51 -0.63 -26.28
CA ALA A 200 8.12 0.76 -26.18
C ALA A 200 7.04 0.94 -25.12
N GLN A 201 6.06 0.03 -25.12
CA GLN A 201 5.02 0.05 -24.10
C GLN A 201 5.58 -0.24 -22.71
N THR A 202 6.51 -1.20 -22.61
CA THR A 202 7.14 -1.45 -21.33
C THR A 202 7.79 -0.21 -20.78
N LEU A 203 8.39 0.57 -21.66
CA LEU A 203 9.04 1.79 -21.20
C LEU A 203 8.03 2.81 -20.67
N GLU A 204 6.90 2.96 -21.34
CA GLU A 204 5.87 3.86 -20.87
C GLU A 204 5.36 3.46 -19.47
N HIS A 205 5.10 2.16 -19.26
CA HIS A 205 4.63 1.72 -17.94
C HIS A 205 5.70 1.89 -16.90
N ARG A 206 6.96 1.69 -17.26
CA ARG A 206 8.04 1.94 -16.32
C ARG A 206 8.06 3.38 -15.86
N GLN A 207 7.93 4.30 -16.82
CA GLN A 207 7.89 5.72 -16.50
CA GLN A 207 7.91 5.72 -16.46
C GLN A 207 6.71 6.04 -15.59
N GLY A 208 5.54 5.44 -15.85
CA GLY A 208 4.39 5.73 -15.00
C GLY A 208 4.62 5.26 -13.56
N GLN A 209 5.28 4.12 -13.38
CA GLN A 209 5.62 3.67 -12.03
C GLN A 209 6.65 4.58 -11.35
N ILE A 210 7.69 5.00 -12.08
CA ILE A 210 8.62 5.98 -11.54
C ILE A 210 7.89 7.22 -11.05
N HIS A 211 6.99 7.75 -11.88
CA HIS A 211 6.28 8.97 -11.49
C HIS A 211 5.45 8.76 -10.23
N TYR A 212 4.74 7.62 -10.14
CA TYR A 212 3.99 7.27 -8.94
C TYR A 212 4.87 7.30 -7.69
N CYS A 213 6.08 6.72 -7.75
CA CYS A 213 6.97 6.69 -6.60
C CYS A 213 7.50 8.05 -6.24
N GLN A 214 7.82 8.87 -7.24
CA GLN A 214 8.27 10.24 -6.96
C GLN A 214 7.21 11.09 -6.26
N GLN A 215 5.97 11.01 -6.71
CA GLN A 215 4.87 11.77 -6.10
C GLN A 215 4.54 11.27 -4.69
N GLN A 216 4.60 9.96 -4.48
CA GLN A 216 4.31 9.39 -3.15
C GLN A 216 5.33 9.82 -2.11
N GLN A 217 6.55 10.11 -2.56
CA GLN A 217 7.61 10.64 -1.69
C GLN A 217 7.37 12.08 -1.23
N LYS A 218 6.38 12.75 -1.77
CA LYS A 218 6.01 14.08 -1.32
C LYS A 218 5.05 14.08 -0.15
N ASN A 219 4.70 12.92 0.37
CA ASN A 219 3.76 12.82 1.49
C ASN A 219 4.49 13.16 2.80
N ASP A 220 4.37 14.41 3.21
CA ASP A 220 5.08 14.89 4.40
CA ASP A 220 5.04 14.91 4.40
C ASP A 220 4.48 14.33 5.70
N LYS A 221 3.24 13.86 5.69
CA LYS A 221 2.66 13.28 6.89
C LYS A 221 3.33 11.95 7.23
N THR A 222 3.54 11.12 6.23
CA THR A 222 4.35 9.92 6.41
C THR A 222 5.78 10.27 6.83
N ARG A 223 6.43 11.19 6.11
CA ARG A 223 7.83 11.49 6.38
C ARG A 223 8.04 11.93 7.82
N ARG A 224 7.16 12.81 8.31
CA ARG A 224 7.26 13.33 9.68
CA ARG A 224 7.35 13.30 9.66
C ARG A 224 7.22 12.21 10.72
N VAL A 225 6.34 11.21 10.52
CA VAL A 225 6.30 10.07 11.43
C VAL A 225 7.66 9.37 11.48
N LEU A 226 8.25 9.11 10.32
CA LEU A 226 9.53 8.45 10.30
C LEU A 226 10.61 9.35 10.91
N GLU A 227 10.59 10.65 10.58
CA GLU A 227 11.63 11.57 11.05
C GLU A 227 11.62 11.67 12.56
N LYS A 228 10.43 11.65 13.16
CA LYS A 228 10.38 11.81 14.61
C LYS A 228 10.96 10.62 15.39
N ALA A 229 11.02 9.44 14.79
CA ALA A 229 11.60 8.28 15.46
C ALA A 229 13.02 7.95 15.04
N PHE A 230 13.44 8.29 13.82
CA PHE A 230 14.70 7.85 13.30
C PHE A 230 15.55 9.00 12.78
N GLY A 231 14.98 10.20 12.60
CA GLY A 231 15.72 11.31 12.04
C GLY A 231 15.63 11.44 10.54
N GLU A 232 16.11 12.59 10.07
CA GLU A 232 15.89 13.00 8.69
CA GLU A 232 15.88 13.00 8.70
C GLU A 232 16.57 12.07 7.70
N ALA A 233 17.84 11.72 7.95
CA ALA A 233 18.57 10.92 6.95
C ALA A 233 18.02 9.49 6.86
N TRP A 234 17.66 8.89 8.01
CA TRP A 234 17.05 7.56 7.98
C TRP A 234 15.71 7.61 7.24
N ALA A 235 14.91 8.62 7.52
CA ALA A 235 13.59 8.77 6.92
C ALA A 235 13.68 8.91 5.41
N GLU A 236 14.64 9.70 4.91
CA GLU A 236 14.79 9.87 3.46
C GLU A 236 15.20 8.54 2.79
N ARG A 237 16.11 7.79 3.40
CA ARG A 237 16.51 6.49 2.88
CA ARG A 237 16.51 6.49 2.88
C ARG A 237 15.34 5.50 2.91
N TYR A 238 14.55 5.52 3.98
CA TYR A 238 13.40 4.61 4.07
C TYR A 238 12.37 4.93 3.00
N MET A 239 12.03 6.22 2.83
CA MET A 239 11.05 6.66 1.83
CA MET A 239 11.02 6.59 1.85
C MET A 239 11.49 6.29 0.43
N SER A 240 12.76 6.52 0.11
CA SER A 240 13.26 6.37 -1.26
C SER A 240 13.77 4.99 -1.62
N GLN A 241 14.20 4.18 -0.65
CA GLN A 241 14.75 2.87 -0.93
CA GLN A 241 14.75 2.86 -0.92
C GLN A 241 13.87 1.71 -0.45
N VAL A 242 13.01 1.93 0.52
CA VAL A 242 12.13 0.89 1.03
C VAL A 242 10.70 1.07 0.54
N LEU A 243 10.08 2.25 0.83
CA LEU A 243 8.66 2.40 0.55
C LEU A 243 8.41 2.62 -0.92
N PHE A 244 9.11 3.61 -1.55
CA PHE A 244 8.78 4.00 -2.93
C PHE A 244 10.07 4.08 -3.79
N ASP A 245 10.66 2.93 -4.05
CA ASP A 245 11.94 2.85 -4.75
C ASP A 245 11.70 3.05 -6.24
N VAL A 246 12.53 3.85 -6.84
CA VAL A 246 12.48 4.15 -8.27
C VAL A 246 13.28 3.08 -8.99
N ILE A 247 12.68 2.49 -10.01
CA ILE A 247 13.39 1.42 -10.76
C ILE A 247 14.29 1.97 -11.91
CHA BLR B . -1.92 9.81 4.95
NA BLR B . -0.23 8.22 5.98
C1A BLR B . -1.07 9.26 6.02
C2A BLR B . -1.09 9.88 7.32
C3A BLR B . -0.16 9.24 8.07
C4A BLR B . 0.37 8.25 7.23
CMA BLR B . 0.28 9.54 9.50
CAA BLR B . -1.97 11.06 7.69
CBA BLR B . -3.35 10.47 8.13
CGA BLR B . -4.50 11.40 8.18
O1A BLR B . -4.44 12.52 7.64
O2A BLR B . -5.54 11.04 8.82
CHB BLR B . 1.39 7.30 7.74
NB BLR B . 1.69 5.87 5.69
C1B BLR B . 1.98 6.36 7.05
C2B BLR B . 3.13 5.53 7.53
C3B BLR B . 3.54 4.64 6.51
C4B BLR B . 2.68 4.82 5.33
CMB BLR B . 3.73 5.79 8.88
OB BLR B . 2.68 4.31 4.28
CAB BLR B . 4.68 3.63 6.48
CBB BLR B . 5.72 3.68 7.29
NC BLR B . 0.18 6.32 1.31
C1C BLR B . 0.89 5.08 0.88
C2C BLR B . 0.08 4.58 -0.25
C3C BLR B . -1.05 5.41 -0.46
C4C BLR B . -1.01 6.54 0.45
CMC BLR B . 0.45 3.33 -0.96
OC BLR B . 1.87 4.65 1.35
CAC BLR B . -2.11 5.33 -1.54
CBC BLR B . -2.45 4.27 -2.15
CHD BLR B . -1.88 7.49 0.47
ND BLR B . -1.59 8.33 2.88
C1D BLR B . -2.01 8.52 1.51
C2D BLR B . -2.70 9.80 1.33
C3D BLR B . -2.69 10.43 2.64
C4D BLR B . -2.00 9.53 3.64
CMD BLR B . -3.30 10.34 0.07
CAD BLR B . -3.25 11.80 2.99
CBD BLR B . -2.08 12.80 2.86
CGD BLR B . -2.56 14.20 3.33
O1D BLR B . -1.81 15.14 3.06
O2D BLR B . -3.62 14.32 3.94
H1 BLR B . -2.61 10.58 5.28
D3 BLR B . -0.07 7.56 5.22
H4 BLR B . 1.32 9.89 9.49
H5 BLR B . -0.36 10.31 9.92
H6 BLR B . 0.21 8.63 10.10
H7 BLR B . -2.09 11.72 6.84
H8 BLR B . -1.52 11.62 8.51
H9 BLR B . -3.60 9.67 7.43
H10 BLR B . -3.22 10.06 9.13
H12 BLR B . 1.68 7.40 8.79
D13 BLR B . 0.93 6.20 5.09
H14 BLR B . 3.76 6.87 9.06
H15 BLR B . 3.12 5.32 9.65
H16 BLR B . 4.74 5.39 8.92
H17 BLR B . 4.63 2.84 5.76
H18 BLR B . 6.52 2.96 7.20
H19 BLR B . 5.81 4.39 8.07
D20 BLR B . 0.47 6.91 2.08
H21 BLR B . 0.32 2.48 -0.30
H22 BLR B . -0.18 3.21 -1.84
H23 BLR B . 1.49 3.39 -1.28
H24 BLR B . -2.60 6.25 -1.81
H25 BLR B . -2.04 3.32 -1.89
H26 BLR B . -3.23 4.33 -2.90
H27 BLR B . -2.59 7.53 -0.36
D28 BLR B . -1.10 7.53 3.27
H29 BLR B . -3.66 9.51 -0.54
H30 BLR B . -4.13 11.00 0.31
H31 BLR B . -2.54 10.90 -0.47
H32 BLR B . -4.05 12.07 2.30
H33 BLR B . -3.64 11.81 4.00
H34 BLR B . -1.25 12.48 3.48
H35 BLR B . -1.76 12.86 1.82
#